data_4OBM
#
_entry.id   4OBM
#
_cell.length_a   49.503
_cell.length_b   51.466
_cell.length_c   104.712
_cell.angle_alpha   90.000
_cell.angle_beta   90.000
_cell.angle_gamma   90.000
#
_symmetry.space_group_name_H-M   'P 21 21 21'
#
loop_
_entity.id
_entity.type
_entity.pdbx_description
1 polymer 'Uncharacterized protein'
2 non-polymer 'TETRAETHYLENE GLYCOL'
3 non-polymer 'PENTAETHYLENE GLYCOL'
4 water water
#
_entity_poly.entity_id   1
_entity_poly.type   'polypeptide(L)'
_entity_poly.pdbx_seq_one_letter_code
;GKDATVNVSQNQTAIFTPDSTYDFSVL(MSE)TLSADNDKTPDKY(MSE)TITYIAKNNTFVL(MSE)PYLPNAVIDGGN
TIKQICEQSGEAEVAKLLSSKTGLSINKYIRFTKSTLTELFD(MSE)VGNTTLTVPSEIKYENKKDNTVTIIKKGTQIFT
AEQ(MSE)YAYLTLPDYGVKDELYPCKLNATVISSFIDQNFIGTSSKTLDEYINFIINFTNTNIEQSDYDAKVKAIVYTL
SQNKSSVTDFYIPYGDKSGDDYIIDDNSWNSAKKALGTG
;
_entity_poly.pdbx_strand_id   A
#
# COMPACT_ATOMS: atom_id res chain seq x y z
N LYS A 2 30.51 -20.85 25.88
CA LYS A 2 31.04 -20.04 26.98
C LYS A 2 30.92 -18.52 26.66
N ASP A 3 29.83 -18.11 25.98
CA ASP A 3 29.59 -16.72 25.56
C ASP A 3 29.33 -15.77 26.74
N ALA A 4 29.73 -14.49 26.57
CA ALA A 4 29.60 -13.46 27.60
C ALA A 4 28.18 -12.93 27.74
N THR A 5 27.76 -12.76 29.00
CA THR A 5 26.47 -12.18 29.37
C THR A 5 26.78 -10.73 29.75
N VAL A 6 26.46 -9.79 28.83
CA VAL A 6 26.66 -8.35 28.99
C VAL A 6 25.43 -7.61 28.46
N ASN A 7 24.57 -7.13 29.38
CA ASN A 7 23.32 -6.44 29.03
C ASN A 7 23.27 -4.99 29.55
N VAL A 8 22.89 -4.07 28.64
CA VAL A 8 22.72 -2.64 28.91
C VAL A 8 21.21 -2.33 28.85
N SER A 9 20.65 -1.87 29.99
CA SER A 9 19.23 -1.53 30.10
C SER A 9 18.91 -0.23 29.35
N GLN A 10 17.61 0.00 29.05
CA GLN A 10 17.13 1.20 28.35
C GLN A 10 17.31 2.47 29.22
N ASN A 11 17.55 3.63 28.56
CA ASN A 11 17.75 4.94 29.20
C ASN A 11 16.50 5.43 29.96
N GLN A 12 15.30 4.88 29.61
CA GLN A 12 13.96 5.07 30.20
C GLN A 12 13.45 6.53 30.14
N THR A 13 14.19 7.49 30.74
CA THR A 13 13.85 8.92 30.78
C THR A 13 14.10 9.61 29.42
N ALA A 14 14.90 8.95 28.54
CA ALA A 14 15.33 9.42 27.21
C ALA A 14 14.18 9.80 26.27
N ILE A 15 14.45 10.75 25.35
CA ILE A 15 13.55 11.21 24.30
C ILE A 15 13.24 10.01 23.38
N PHE A 16 11.96 9.83 23.01
CA PHE A 16 11.50 8.72 22.19
C PHE A 16 12.03 8.77 20.77
N THR A 17 12.59 7.64 20.33
CA THR A 17 13.09 7.42 18.97
C THR A 17 12.75 5.95 18.65
N PRO A 18 11.75 5.71 17.76
CA PRO A 18 11.34 4.33 17.43
C PRO A 18 12.44 3.44 16.88
N ASP A 19 12.51 2.21 17.40
CA ASP A 19 13.47 1.19 16.94
C ASP A 19 12.76 0.19 15.97
N SER A 20 13.48 -0.86 15.52
CA SER A 20 12.99 -1.87 14.58
C SER A 20 11.77 -2.69 15.09
N THR A 21 11.47 -2.66 16.41
CA THR A 21 10.35 -3.39 17.01
C THR A 21 9.02 -2.76 16.56
N TYR A 22 9.07 -1.50 16.09
CA TYR A 22 7.93 -0.73 15.60
C TYR A 22 7.66 -0.96 14.11
N ASP A 23 8.54 -1.70 13.41
CA ASP A 23 8.36 -2.00 11.98
C ASP A 23 7.13 -2.88 11.74
N PHE A 24 6.38 -2.61 10.68
CA PHE A 24 5.22 -3.43 10.37
C PHE A 24 4.90 -3.40 8.87
N SER A 25 4.17 -4.43 8.43
CA SER A 25 3.67 -4.53 7.07
C SER A 25 2.18 -4.84 7.11
N VAL A 26 1.45 -4.28 6.13
CA VAL A 26 0.01 -4.42 5.93
C VAL A 26 -0.24 -4.65 4.45
N LEU A 27 -0.99 -5.72 4.13
CA LEU A 27 -1.40 -5.98 2.77
C LEU A 27 -2.69 -5.23 2.54
N THR A 29 -5.73 -4.24 -0.21
CA THR A 29 -6.36 -4.74 -1.43
C THR A 29 -7.63 -3.93 -1.70
N LEU A 30 -8.07 -3.91 -2.96
CA LEU A 30 -9.25 -3.17 -3.34
C LEU A 30 -10.13 -4.00 -4.24
N SER A 31 -11.42 -4.03 -3.88
CA SER A 31 -12.49 -4.71 -4.60
CA SER A 31 -12.52 -4.71 -4.58
C SER A 31 -13.52 -3.67 -5.01
N ALA A 32 -14.38 -4.00 -6.00
CA ALA A 32 -15.40 -3.05 -6.42
C ALA A 32 -16.44 -2.90 -5.30
N ASP A 33 -16.72 -4.01 -4.60
CA ASP A 33 -17.70 -4.15 -3.52
C ASP A 33 -17.40 -5.42 -2.69
N ASN A 34 -18.21 -5.71 -1.65
CA ASN A 34 -18.02 -6.85 -0.73
C ASN A 34 -18.26 -8.27 -1.36
N ASP A 35 -18.81 -8.34 -2.56
CA ASP A 35 -19.07 -9.62 -3.20
C ASP A 35 -17.91 -10.07 -4.09
N LYS A 36 -17.19 -9.11 -4.69
CA LYS A 36 -16.13 -9.37 -5.67
C LYS A 36 -14.75 -9.55 -5.05
N THR A 37 -13.92 -10.30 -5.78
CA THR A 37 -12.52 -10.57 -5.47
C THR A 37 -11.73 -9.31 -5.69
N PRO A 38 -10.77 -8.96 -4.80
CA PRO A 38 -9.95 -7.76 -5.05
C PRO A 38 -9.20 -7.79 -6.39
N ASP A 39 -9.11 -6.61 -7.04
CA ASP A 39 -8.41 -6.40 -8.31
C ASP A 39 -7.04 -5.75 -8.09
N LYS A 40 -6.84 -5.05 -6.95
CA LYS A 40 -5.57 -4.36 -6.69
C LYS A 40 -4.95 -4.84 -5.41
N TYR A 41 -3.62 -4.93 -5.41
CA TYR A 41 -2.85 -5.49 -4.31
C TYR A 41 -1.62 -4.64 -4.08
N THR A 43 1.34 -3.81 -0.72
CA THR A 43 1.83 -3.90 0.65
C THR A 43 2.35 -2.51 1.05
N ILE A 44 2.28 -2.20 2.35
CA ILE A 44 2.80 -0.98 2.93
C ILE A 44 3.65 -1.42 4.09
N THR A 45 4.95 -1.14 4.01
CA THR A 45 5.94 -1.52 5.02
C THR A 45 6.51 -0.27 5.66
N TYR A 46 6.29 -0.13 6.98
CA TYR A 46 6.83 0.96 7.77
C TYR A 46 8.21 0.56 8.29
N ILE A 47 9.24 1.31 7.90
CA ILE A 47 10.62 1.08 8.39
C ILE A 47 10.91 2.25 9.35
N ALA A 48 10.76 2.00 10.66
CA ALA A 48 10.93 3.00 11.72
C ALA A 48 12.30 3.64 11.72
N LYS A 49 13.39 2.87 11.47
CA LYS A 49 14.77 3.39 11.44
C LYS A 49 14.93 4.48 10.35
N ASN A 50 14.28 4.28 9.18
CA ASN A 50 14.33 5.17 8.03
C ASN A 50 13.18 6.21 7.99
N ASN A 51 12.23 6.14 8.97
CA ASN A 51 11.06 7.02 9.05
C ASN A 51 10.36 7.07 7.67
N THR A 52 10.19 5.89 7.06
CA THR A 52 9.58 5.78 5.74
C THR A 52 8.55 4.65 5.70
N PHE A 53 7.63 4.77 4.74
CA PHE A 53 6.61 3.80 4.41
C PHE A 53 6.91 3.34 2.98
N VAL A 54 7.19 2.03 2.78
CA VAL A 54 7.54 1.47 1.46
C VAL A 54 6.31 0.79 0.87
N LEU A 55 5.91 1.21 -0.32
CA LEU A 55 4.76 0.59 -0.97
C LEU A 55 5.23 -0.36 -2.05
N PRO A 57 3.30 -2.51 -5.08
CA PRO A 57 2.08 -2.98 -5.72
C PRO A 57 2.36 -4.25 -6.55
N TYR A 58 1.31 -5.01 -6.82
CA TYR A 58 1.36 -6.26 -7.56
C TYR A 58 0.17 -6.33 -8.49
N LEU A 59 0.37 -6.84 -9.72
CA LEU A 59 -0.73 -7.00 -10.68
C LEU A 59 -1.65 -8.11 -10.21
N PRO A 60 -2.97 -8.06 -10.46
CA PRO A 60 -3.84 -9.17 -10.00
C PRO A 60 -3.47 -10.52 -10.61
N ASN A 61 -2.91 -10.51 -11.84
CA ASN A 61 -2.51 -11.72 -12.54
C ASN A 61 -1.05 -12.05 -12.25
N ALA A 62 -0.49 -11.48 -11.18
CA ALA A 62 0.91 -11.78 -10.84
C ALA A 62 1.03 -13.18 -10.23
N VAL A 63 2.00 -13.98 -10.74
CA VAL A 63 2.33 -15.32 -10.24
C VAL A 63 3.62 -15.14 -9.40
N ILE A 64 3.55 -15.40 -8.08
CA ILE A 64 4.67 -15.21 -7.15
C ILE A 64 5.19 -16.52 -6.53
N ASP A 65 4.63 -17.69 -6.94
CA ASP A 65 4.99 -18.98 -6.34
C ASP A 65 5.16 -20.12 -7.37
N GLY A 66 4.85 -19.83 -8.64
CA GLY A 66 4.90 -20.84 -9.71
C GLY A 66 3.55 -21.48 -9.90
N GLY A 67 2.59 -21.09 -9.07
CA GLY A 67 1.23 -21.59 -9.10
C GLY A 67 0.27 -20.57 -9.67
N ASN A 68 -0.81 -20.32 -8.94
CA ASN A 68 -1.88 -19.40 -9.30
C ASN A 68 -1.51 -17.92 -9.15
N THR A 69 -2.40 -17.06 -9.67
CA THR A 69 -2.26 -15.61 -9.61
C THR A 69 -2.56 -15.12 -8.20
N ILE A 70 -2.13 -13.90 -7.88
CA ILE A 70 -2.43 -13.26 -6.60
C ILE A 70 -3.96 -13.27 -6.41
N LYS A 71 -4.71 -12.83 -7.44
CA LYS A 71 -6.17 -12.76 -7.41
C LYS A 71 -6.80 -14.12 -7.17
N GLN A 72 -6.33 -15.19 -7.85
CA GLN A 72 -6.87 -16.54 -7.69
C GLN A 72 -6.68 -17.01 -6.26
N ILE A 73 -5.46 -16.81 -5.71
CA ILE A 73 -5.11 -17.16 -4.34
C ILE A 73 -6.02 -16.39 -3.37
N CYS A 74 -6.21 -15.08 -3.58
CA CYS A 74 -7.08 -14.26 -2.73
C CYS A 74 -8.54 -14.77 -2.76
N GLU A 75 -9.00 -15.27 -3.92
CA GLU A 75 -10.38 -15.78 -4.06
C GLU A 75 -10.56 -17.06 -3.24
N GLN A 76 -9.61 -17.98 -3.39
CA GLN A 76 -9.63 -19.30 -2.76
C GLN A 76 -9.29 -19.26 -1.28
N SER A 77 -8.26 -18.51 -0.90
CA SER A 77 -7.75 -18.55 0.47
C SER A 77 -7.66 -17.18 1.21
N GLY A 78 -8.16 -16.11 0.61
CA GLY A 78 -8.16 -14.79 1.24
C GLY A 78 -6.81 -14.08 1.27
N GLU A 79 -6.81 -12.85 1.83
CA GLU A 79 -5.63 -11.99 1.96
C GLU A 79 -4.54 -12.62 2.84
N ALA A 80 -4.94 -13.36 3.89
CA ALA A 80 -4.02 -14.05 4.81
C ALA A 80 -3.06 -14.96 4.03
N GLU A 81 -3.56 -15.69 3.02
CA GLU A 81 -2.72 -16.56 2.21
C GLU A 81 -1.82 -15.72 1.29
N VAL A 82 -2.37 -14.70 0.64
CA VAL A 82 -1.59 -13.79 -0.21
C VAL A 82 -0.41 -13.21 0.62
N ALA A 83 -0.72 -12.68 1.85
CA ALA A 83 0.25 -12.08 2.76
C ALA A 83 1.31 -13.07 3.22
N LYS A 84 0.94 -14.37 3.37
CA LYS A 84 1.84 -15.48 3.77
C LYS A 84 2.85 -15.76 2.64
N LEU A 85 2.35 -15.86 1.39
CA LEU A 85 3.20 -16.12 0.23
C LEU A 85 4.14 -14.94 -0.04
N LEU A 86 3.64 -13.71 0.15
CA LEU A 86 4.42 -12.49 0.02
C LEU A 86 5.47 -12.40 1.13
N SER A 87 5.13 -12.85 2.36
CA SER A 87 6.06 -12.88 3.49
C SER A 87 7.28 -13.77 3.20
N SER A 88 7.04 -15.00 2.69
CA SER A 88 8.09 -15.96 2.33
C SER A 88 9.04 -15.43 1.25
N LYS A 89 8.50 -14.69 0.25
CA LYS A 89 9.28 -14.20 -0.89
C LYS A 89 10.04 -12.89 -0.62
N THR A 90 9.60 -12.07 0.36
CA THR A 90 10.19 -10.76 0.65
C THR A 90 11.01 -10.66 1.94
N GLY A 91 10.87 -11.63 2.85
CA GLY A 91 11.52 -11.61 4.15
C GLY A 91 10.76 -10.76 5.15
N LEU A 92 9.56 -10.28 4.74
CA LEU A 92 8.67 -9.48 5.56
C LEU A 92 7.83 -10.36 6.42
N SER A 93 7.24 -9.79 7.48
CA SER A 93 6.34 -10.45 8.42
C SER A 93 4.93 -9.81 8.27
N ILE A 94 4.21 -10.16 7.19
CA ILE A 94 2.88 -9.60 6.84
C ILE A 94 1.76 -10.51 7.35
N ASN A 95 1.01 -10.06 8.35
CA ASN A 95 -0.10 -10.81 8.95
C ASN A 95 -1.40 -10.03 8.82
N LYS A 96 -1.30 -8.69 8.83
CA LYS A 96 -2.45 -7.80 8.78
C LYS A 96 -2.76 -7.32 7.39
N TYR A 97 -4.06 -7.14 7.14
CA TYR A 97 -4.52 -6.70 5.84
C TYR A 97 -5.73 -5.80 5.96
N ILE A 98 -6.02 -5.02 4.90
CA ILE A 98 -7.23 -4.20 4.77
C ILE A 98 -7.80 -4.45 3.37
N ARG A 99 -9.02 -4.95 3.27
CA ARG A 99 -9.64 -5.06 1.96
C ARG A 99 -10.62 -3.94 1.84
N PHE A 100 -10.32 -2.98 0.96
CA PHE A 100 -11.18 -1.84 0.69
C PHE A 100 -12.17 -2.21 -0.36
N THR A 101 -13.27 -1.44 -0.45
CA THR A 101 -14.23 -1.53 -1.54
C THR A 101 -14.21 -0.17 -2.24
N LYS A 102 -14.95 -0.02 -3.36
CA LYS A 102 -15.01 1.30 -4.00
C LYS A 102 -15.49 2.34 -2.98
N SER A 103 -16.52 1.95 -2.21
CA SER A 103 -17.18 2.75 -1.19
C SER A 103 -16.25 3.12 0.00
N THR A 104 -15.57 2.13 0.62
CA THR A 104 -14.75 2.40 1.80
C THR A 104 -13.45 3.16 1.45
N LEU A 105 -12.79 2.85 0.31
CA LEU A 105 -11.59 3.58 -0.12
C LEU A 105 -11.92 5.07 -0.45
N THR A 106 -13.07 5.34 -1.11
CA THR A 106 -13.48 6.71 -1.47
C THR A 106 -13.77 7.49 -0.19
N GLU A 107 -14.41 6.83 0.79
CA GLU A 107 -14.72 7.40 2.08
C GLU A 107 -13.43 7.71 2.85
N LEU A 108 -12.41 6.82 2.79
CA LEU A 108 -11.11 7.09 3.43
C LEU A 108 -10.51 8.37 2.86
N PHE A 109 -10.41 8.49 1.51
CA PHE A 109 -9.87 9.67 0.83
C PHE A 109 -10.65 10.96 1.17
N ASP A 110 -11.99 10.85 1.23
CA ASP A 110 -12.90 11.98 1.50
C ASP A 110 -12.72 12.51 2.94
N VAL A 112 -9.79 11.88 4.87
CA VAL A 112 -8.39 12.30 5.11
C VAL A 112 -8.07 13.66 4.44
N GLY A 113 -8.42 13.81 3.16
CA GLY A 113 -8.18 15.05 2.42
C GLY A 113 -7.87 14.78 0.96
N ASN A 114 -7.86 15.85 0.16
CA ASN A 114 -7.56 15.84 -1.27
C ASN A 114 -6.08 15.64 -1.58
N THR A 115 -5.75 15.17 -2.78
CA THR A 115 -4.36 15.01 -3.21
C THR A 115 -4.13 15.81 -4.50
N THR A 116 -2.99 16.50 -4.57
CA THR A 116 -2.57 17.28 -5.74
C THR A 116 -1.63 16.40 -6.58
N LEU A 117 -2.02 16.12 -7.84
CA LEU A 117 -1.26 15.24 -8.74
C LEU A 117 -1.05 15.86 -10.09
N THR A 118 0.12 15.58 -10.68
CA THR A 118 0.46 16.03 -12.04
C THR A 118 0.11 14.91 -13.01
N VAL A 119 -0.93 15.13 -13.83
CA VAL A 119 -1.35 14.20 -14.87
C VAL A 119 -0.43 14.46 -16.10
N PRO A 120 0.41 13.47 -16.51
CA PRO A 120 1.38 13.71 -17.60
C PRO A 120 0.76 14.03 -18.95
N SER A 121 -0.38 13.39 -19.30
CA SER A 121 -1.09 13.65 -20.55
C SER A 121 -2.58 13.39 -20.38
N GLU A 122 -3.43 14.09 -21.16
CA GLU A 122 -4.88 13.95 -21.06
C GLU A 122 -5.36 12.49 -21.29
N ILE A 123 -6.27 12.01 -20.44
CA ILE A 123 -6.90 10.69 -20.57
C ILE A 123 -8.37 10.90 -20.94
N LYS A 124 -8.82 10.20 -21.99
CA LYS A 124 -10.22 10.14 -22.42
C LYS A 124 -10.50 8.65 -22.59
N TYR A 125 -10.84 7.96 -21.47
CA TYR A 125 -11.05 6.52 -21.50
C TYR A 125 -12.48 6.16 -21.90
N GLU A 126 -12.60 5.40 -23.00
CA GLU A 126 -13.87 4.89 -23.49
C GLU A 126 -14.11 3.50 -22.91
N ASN A 127 -14.97 3.45 -21.86
CA ASN A 127 -15.35 2.23 -21.12
C ASN A 127 -16.39 1.44 -21.90
N LYS A 128 -15.96 0.33 -22.49
CA LYS A 128 -16.79 -0.53 -23.34
C LYS A 128 -17.68 -1.48 -22.51
N LYS A 129 -17.57 -1.45 -21.17
CA LYS A 129 -18.47 -2.24 -20.33
C LYS A 129 -19.81 -1.50 -20.17
N ASP A 130 -19.77 -0.18 -19.83
CA ASP A 130 -20.96 0.64 -19.56
C ASP A 130 -21.22 1.75 -20.59
N ASN A 131 -20.40 1.87 -21.66
CA ASN A 131 -20.52 2.87 -22.74
C ASN A 131 -20.41 4.33 -22.20
N THR A 132 -19.39 4.57 -21.34
CA THR A 132 -19.11 5.89 -20.77
C THR A 132 -17.70 6.34 -21.14
N VAL A 133 -17.45 7.65 -21.06
CA VAL A 133 -16.12 8.19 -21.32
C VAL A 133 -15.67 8.94 -20.05
N THR A 134 -14.47 8.57 -19.55
CA THR A 134 -13.82 9.15 -18.37
C THR A 134 -12.79 10.13 -18.87
N ILE A 135 -12.92 11.43 -18.51
CA ILE A 135 -11.98 12.47 -18.96
C ILE A 135 -11.16 12.99 -17.80
N ILE A 136 -9.86 12.73 -17.81
CA ILE A 136 -8.89 13.25 -16.85
C ILE A 136 -7.96 14.19 -17.63
N LYS A 137 -7.99 15.48 -17.29
CA LYS A 137 -7.19 16.46 -18.02
C LYS A 137 -5.74 16.45 -17.54
N LYS A 138 -4.85 16.90 -18.41
CA LYS A 138 -3.42 17.01 -18.16
C LYS A 138 -3.17 18.15 -17.18
N GLY A 139 -2.11 18.06 -16.39
CA GLY A 139 -1.72 19.11 -15.46
C GLY A 139 -1.77 18.80 -13.99
N THR A 140 -1.21 19.71 -13.17
CA THR A 140 -1.16 19.63 -11.72
C THR A 140 -2.52 20.07 -11.22
N GLN A 141 -3.25 19.18 -10.58
CA GLN A 141 -4.64 19.40 -10.18
C GLN A 141 -4.97 18.83 -8.81
N ILE A 142 -6.02 19.39 -8.16
CA ILE A 142 -6.51 18.98 -6.83
C ILE A 142 -7.58 17.94 -7.02
N PHE A 143 -7.30 16.72 -6.56
CA PHE A 143 -8.23 15.60 -6.74
C PHE A 143 -9.10 15.35 -5.52
N THR A 144 -10.43 15.37 -5.70
CA THR A 144 -11.38 15.04 -4.64
C THR A 144 -11.48 13.50 -4.59
N ALA A 145 -12.11 12.94 -3.53
CA ALA A 145 -12.26 11.50 -3.28
C ALA A 145 -12.65 10.70 -4.52
N GLU A 146 -13.80 11.03 -5.16
CA GLU A 146 -14.32 10.32 -6.34
C GLU A 146 -13.40 10.45 -7.57
N GLN A 147 -12.75 11.61 -7.75
CA GLN A 147 -11.82 11.86 -8.88
C GLN A 147 -10.58 11.05 -8.69
N TYR A 149 -10.32 8.22 -6.83
CA TYR A 149 -10.70 6.80 -7.00
C TYR A 149 -10.74 6.42 -8.51
N ALA A 150 -11.47 7.20 -9.35
CA ALA A 150 -11.60 6.98 -10.79
C ALA A 150 -10.24 6.96 -11.52
N TYR A 151 -9.35 7.90 -11.16
CA TYR A 151 -7.98 7.98 -11.72
C TYR A 151 -7.18 6.71 -11.37
N LEU A 152 -7.24 6.29 -10.12
CA LEU A 152 -6.51 5.18 -9.55
C LEU A 152 -6.93 3.80 -10.11
N THR A 153 -8.21 3.66 -10.52
CA THR A 153 -8.80 2.42 -10.95
C THR A 153 -9.13 2.34 -12.47
N LEU A 154 -8.54 3.22 -13.32
CA LEU A 154 -8.79 3.15 -14.77
C LEU A 154 -8.33 1.80 -15.33
N PRO A 155 -9.20 1.13 -16.10
CA PRO A 155 -8.81 -0.18 -16.67
C PRO A 155 -7.73 -0.09 -17.75
N ASP A 156 -7.55 1.13 -18.32
CA ASP A 156 -6.57 1.43 -19.37
C ASP A 156 -6.15 2.90 -19.33
N TYR A 157 -4.82 3.11 -19.21
CA TYR A 157 -4.19 4.43 -19.18
C TYR A 157 -3.62 4.84 -20.57
N GLY A 158 -3.87 4.03 -21.60
CA GLY A 158 -3.37 4.25 -22.95
C GLY A 158 -1.86 4.06 -23.06
N VAL A 159 -1.30 3.18 -22.21
CA VAL A 159 0.14 2.88 -22.13
C VAL A 159 0.34 1.37 -22.33
N LYS A 160 1.37 0.96 -23.09
CA LYS A 160 1.69 -0.46 -23.31
C LYS A 160 2.15 -1.12 -21.97
N ASP A 161 3.02 -0.40 -21.22
CA ASP A 161 3.58 -0.80 -19.92
C ASP A 161 2.58 -1.55 -19.02
N GLU A 162 2.78 -2.88 -18.87
CA GLU A 162 1.88 -3.70 -18.04
C GLU A 162 1.97 -3.32 -16.56
N LEU A 163 3.09 -2.68 -16.13
CA LEU A 163 3.30 -2.24 -14.75
C LEU A 163 2.80 -0.81 -14.49
N TYR A 164 2.42 -0.07 -15.53
CA TYR A 164 1.94 1.32 -15.39
C TYR A 164 0.79 1.47 -14.36
N PRO A 165 -0.27 0.61 -14.30
CA PRO A 165 -1.31 0.82 -13.26
C PRO A 165 -0.74 0.72 -11.83
N CYS A 166 0.30 -0.12 -11.65
CA CYS A 166 1.04 -0.32 -10.40
C CYS A 166 1.86 0.92 -10.06
N LYS A 167 2.56 1.46 -11.08
CA LYS A 167 3.42 2.65 -11.00
C LYS A 167 2.56 3.86 -10.64
N LEU A 168 1.38 3.99 -11.26
CA LEU A 168 0.43 5.08 -11.01
C LEU A 168 -0.10 4.97 -9.59
N ASN A 169 -0.56 3.76 -9.20
CA ASN A 169 -1.07 3.53 -7.87
C ASN A 169 0.00 3.80 -6.80
N ALA A 170 1.25 3.30 -7.00
CA ALA A 170 2.34 3.54 -6.04
C ALA A 170 2.57 5.05 -5.79
N THR A 171 2.66 5.82 -6.88
CA THR A 171 2.93 7.26 -6.94
C THR A 171 1.79 8.06 -6.34
N VAL A 172 0.54 7.84 -6.80
CA VAL A 172 -0.65 8.55 -6.33
C VAL A 172 -0.86 8.29 -4.81
N ILE A 173 -0.70 7.03 -4.35
CA ILE A 173 -0.85 6.69 -2.92
C ILE A 173 0.30 7.32 -2.11
N SER A 174 1.53 7.37 -2.67
CA SER A 174 2.69 8.03 -2.02
C SER A 174 2.40 9.51 -1.78
N SER A 175 1.84 10.16 -2.81
CA SER A 175 1.46 11.56 -2.80
C SER A 175 0.36 11.82 -1.76
N PHE A 176 -0.64 10.93 -1.68
CA PHE A 176 -1.76 10.98 -0.72
C PHE A 176 -1.25 10.89 0.73
N ILE A 177 -0.26 10.02 1.01
CA ILE A 177 0.33 9.83 2.34
C ILE A 177 1.18 11.06 2.73
N ASP A 178 2.01 11.55 1.80
CA ASP A 178 2.88 12.71 2.03
C ASP A 178 2.12 14.01 2.23
N GLN A 179 1.09 14.26 1.41
CA GLN A 179 0.36 15.53 1.49
C GLN A 179 -0.64 15.62 2.63
N ASN A 180 -1.13 14.47 3.14
CA ASN A 180 -2.17 14.48 4.17
C ASN A 180 -1.82 13.81 5.48
N PHE A 181 -0.67 13.09 5.58
CA PHE A 181 -0.35 12.42 6.84
C PHE A 181 0.83 13.05 7.53
N ILE A 182 1.72 13.72 6.78
CA ILE A 182 2.86 14.40 7.39
C ILE A 182 2.30 15.56 8.23
N GLY A 183 2.63 15.56 9.51
CA GLY A 183 2.17 16.59 10.45
C GLY A 183 0.85 16.28 11.13
N THR A 184 0.22 15.10 10.84
CA THR A 184 -1.04 14.75 11.50
C THR A 184 -0.80 14.35 12.95
N SER A 185 -1.84 14.51 13.80
CA SER A 185 -1.81 14.16 15.22
C SER A 185 -2.35 12.76 15.45
N SER A 186 -2.14 12.21 16.67
CA SER A 186 -2.68 10.91 17.04
C SER A 186 -4.22 11.01 17.13
N LYS A 187 -4.77 12.19 17.50
CA LYS A 187 -6.21 12.47 17.59
C LYS A 187 -6.85 12.33 16.19
N THR A 188 -6.21 12.90 15.15
CA THR A 188 -6.66 12.82 13.76
C THR A 188 -6.53 11.37 13.27
N LEU A 189 -5.35 10.75 13.47
CA LEU A 189 -5.10 9.35 13.11
C LEU A 189 -6.08 8.40 13.81
N ASP A 190 -6.59 8.79 15.02
CA ASP A 190 -7.58 8.02 15.78
C ASP A 190 -8.91 7.96 15.03
N GLU A 191 -9.24 9.03 14.25
CA GLU A 191 -10.45 9.06 13.43
C GLU A 191 -10.27 8.13 12.23
N TYR A 192 -9.05 8.07 11.67
CA TYR A 192 -8.81 7.24 10.49
C TYR A 192 -8.90 5.76 10.86
N ILE A 193 -8.21 5.35 11.92
CA ILE A 193 -8.22 3.98 12.41
C ILE A 193 -9.60 3.56 12.92
N ASN A 194 -10.38 4.49 13.53
CA ASN A 194 -11.72 4.17 13.98
C ASN A 194 -12.56 3.75 12.76
N PHE A 195 -12.37 4.43 11.59
CA PHE A 195 -13.06 4.10 10.34
C PHE A 195 -12.56 2.73 9.76
N ILE A 196 -11.23 2.51 9.74
CA ILE A 196 -10.65 1.26 9.23
C ILE A 196 -11.22 0.03 9.99
N ILE A 197 -11.14 0.06 11.33
CA ILE A 197 -11.55 -1.04 12.21
C ILE A 197 -13.05 -1.31 12.10
N ASN A 198 -13.88 -0.24 11.97
CA ASN A 198 -15.32 -0.40 11.99
C ASN A 198 -16.00 -0.58 10.64
N PHE A 199 -15.40 -0.13 9.52
CA PHE A 199 -16.16 -0.21 8.27
C PHE A 199 -15.43 -0.91 7.12
N THR A 200 -14.19 -1.35 7.33
CA THR A 200 -13.49 -2.06 6.28
C THR A 200 -13.33 -3.53 6.67
N ASN A 201 -13.12 -4.40 5.67
CA ASN A 201 -12.84 -5.81 5.88
C ASN A 201 -11.37 -5.90 6.30
N THR A 202 -11.10 -6.04 7.61
CA THR A 202 -9.72 -6.05 8.10
C THR A 202 -9.54 -6.97 9.31
N ASN A 203 -8.29 -7.39 9.60
CA ASN A 203 -7.99 -8.18 10.79
C ASN A 203 -7.12 -7.34 11.73
N ILE A 204 -7.05 -6.01 11.46
CA ILE A 204 -6.32 -5.04 12.28
C ILE A 204 -7.20 -4.78 13.51
N GLU A 205 -6.65 -5.03 14.69
CA GLU A 205 -7.37 -4.77 15.92
C GLU A 205 -6.85 -3.49 16.54
N GLN A 206 -7.60 -2.93 17.50
CA GLN A 206 -7.25 -1.70 18.21
C GLN A 206 -5.87 -1.84 18.90
N SER A 207 -5.54 -3.02 19.41
CA SER A 207 -4.26 -3.30 20.08
C SER A 207 -3.07 -3.15 19.11
N ASP A 208 -3.27 -3.49 17.81
CA ASP A 208 -2.26 -3.40 16.72
C ASP A 208 -1.90 -1.95 16.44
N TYR A 209 -2.93 -1.10 16.33
CA TYR A 209 -2.76 0.34 16.13
C TYR A 209 -2.11 1.00 17.37
N ASP A 210 -2.60 0.70 18.62
CA ASP A 210 -2.13 1.26 19.88
C ASP A 210 -0.65 0.96 20.18
N ALA A 211 -0.12 -0.12 19.62
CA ALA A 211 1.26 -0.52 19.82
C ALA A 211 2.20 0.16 18.81
N LYS A 212 1.62 0.76 17.74
CA LYS A 212 2.39 1.37 16.64
C LYS A 212 2.21 2.88 16.47
N VAL A 213 1.02 3.43 16.81
CA VAL A 213 0.70 4.86 16.66
C VAL A 213 1.84 5.81 17.19
N LYS A 214 2.51 5.49 18.32
CA LYS A 214 3.61 6.33 18.83
C LYS A 214 4.71 6.49 17.80
N ALA A 215 5.12 5.39 17.13
CA ALA A 215 6.14 5.43 16.07
C ALA A 215 5.61 6.14 14.80
N ILE A 216 4.33 5.88 14.42
CA ILE A 216 3.69 6.50 13.24
C ILE A 216 3.70 8.03 13.43
N VAL A 217 3.16 8.55 14.55
CA VAL A 217 3.08 9.99 14.84
C VAL A 217 4.50 10.57 14.88
N TYR A 218 5.48 9.85 15.48
CA TYR A 218 6.87 10.28 15.51
C TYR A 218 7.36 10.54 14.10
N THR A 219 7.25 9.54 13.20
CA THR A 219 7.72 9.57 11.80
C THR A 219 7.08 10.71 10.99
N LEU A 220 5.77 10.92 11.17
CA LEU A 220 5.02 11.95 10.43
C LEU A 220 5.24 13.37 11.01
N SER A 221 5.69 13.46 12.27
CA SER A 221 5.99 14.74 12.94
C SER A 221 7.43 15.24 12.60
N GLN A 222 8.17 14.48 11.77
CA GLN A 222 9.52 14.85 11.35
C GLN A 222 9.43 15.90 10.23
N ASN A 223 10.46 16.73 10.08
CA ASN A 223 10.51 17.79 9.09
C ASN A 223 10.87 17.19 7.71
N LYS A 224 9.95 16.40 7.16
CA LYS A 224 10.17 15.73 5.88
C LYS A 224 9.12 16.12 4.85
N SER A 225 9.55 16.28 3.59
CA SER A 225 8.65 16.54 2.47
C SER A 225 8.00 15.24 2.06
N SER A 226 8.69 14.11 2.36
CA SER A 226 8.19 12.77 2.02
C SER A 226 8.54 11.73 3.09
N VAL A 227 7.56 10.87 3.38
CA VAL A 227 7.69 9.72 4.29
C VAL A 227 7.41 8.45 3.48
N THR A 228 7.46 8.53 2.15
CA THR A 228 7.19 7.36 1.33
C THR A 228 8.30 7.03 0.34
N ASP A 229 8.24 5.79 -0.13
CA ASP A 229 9.08 5.14 -1.12
C ASP A 229 8.28 4.00 -1.71
N PHE A 230 8.70 3.51 -2.87
CA PHE A 230 8.06 2.38 -3.49
C PHE A 230 9.05 1.61 -4.33
N TYR A 231 8.79 0.31 -4.45
CA TYR A 231 9.47 -0.64 -5.30
C TYR A 231 8.41 -1.32 -6.19
N ILE A 232 8.70 -1.50 -7.49
CA ILE A 232 7.75 -2.14 -8.38
C ILE A 232 8.26 -3.55 -8.76
N PRO A 233 7.66 -4.61 -8.19
CA PRO A 233 8.02 -5.99 -8.57
C PRO A 233 7.81 -6.23 -10.07
N TYR A 234 8.87 -6.66 -10.77
CA TYR A 234 8.81 -6.82 -12.22
C TYR A 234 8.84 -8.29 -12.65
N GLY A 235 8.39 -8.54 -13.87
CA GLY A 235 8.37 -9.90 -14.39
C GLY A 235 8.11 -10.00 -15.88
N ASP A 236 7.49 -11.10 -16.29
CA ASP A 236 7.23 -11.32 -17.70
C ASP A 236 5.85 -11.91 -17.94
N LYS A 237 5.28 -11.58 -19.11
CA LYS A 237 3.98 -12.08 -19.57
C LYS A 237 4.13 -13.55 -19.93
N SER A 238 3.16 -14.36 -19.49
CA SER A 238 3.09 -15.79 -19.76
C SER A 238 1.63 -16.16 -19.85
N GLY A 239 1.11 -16.15 -21.07
CA GLY A 239 -0.30 -16.35 -21.36
C GLY A 239 -1.03 -15.13 -20.84
N ASP A 240 -2.00 -15.33 -19.95
CA ASP A 240 -2.71 -14.22 -19.33
C ASP A 240 -2.14 -13.91 -17.95
N ASP A 241 -1.05 -14.60 -17.57
CA ASP A 241 -0.37 -14.43 -16.29
C ASP A 241 0.85 -13.49 -16.40
N TYR A 242 1.32 -13.02 -15.25
CA TYR A 242 2.48 -12.14 -15.15
C TYR A 242 3.43 -12.76 -14.11
N ILE A 243 4.35 -13.58 -14.60
CA ILE A 243 5.26 -14.31 -13.72
C ILE A 243 6.34 -13.36 -13.19
N ILE A 244 6.36 -13.16 -11.85
CA ILE A 244 7.32 -12.28 -11.18
C ILE A 244 8.72 -12.87 -11.32
N ASP A 245 9.67 -12.06 -11.80
CA ASP A 245 11.07 -12.48 -12.00
C ASP A 245 11.71 -12.68 -10.64
N ASP A 246 12.42 -13.80 -10.46
CA ASP A 246 13.10 -14.16 -9.23
C ASP A 246 14.12 -13.09 -8.77
N ASN A 247 14.69 -12.32 -9.72
CA ASN A 247 15.68 -11.26 -9.44
C ASN A 247 15.03 -10.00 -8.88
N SER A 248 13.72 -9.87 -9.05
CA SER A 248 12.93 -8.76 -8.52
C SER A 248 12.85 -8.87 -6.98
N TRP A 249 12.69 -10.12 -6.44
CA TRP A 249 12.62 -10.39 -5.00
C TRP A 249 13.87 -9.92 -4.29
N ASN A 250 15.04 -9.98 -4.95
CA ASN A 250 16.32 -9.55 -4.39
C ASN A 250 16.40 -8.02 -4.36
N SER A 251 15.85 -7.35 -5.39
CA SER A 251 15.81 -5.88 -5.44
C SER A 251 14.79 -5.37 -4.41
N ALA A 252 13.68 -6.11 -4.21
CA ALA A 252 12.64 -5.83 -3.24
C ALA A 252 13.18 -5.95 -1.83
N LYS A 253 14.03 -6.98 -1.58
CA LYS A 253 14.66 -7.20 -0.28
C LYS A 253 15.58 -6.05 0.08
N LYS A 254 16.35 -5.52 -0.89
CA LYS A 254 17.26 -4.38 -0.70
C LYS A 254 16.47 -3.11 -0.35
N ALA A 255 15.35 -2.84 -1.07
CA ALA A 255 14.43 -1.72 -0.83
C ALA A 255 13.83 -1.75 0.59
N LEU A 256 13.66 -2.95 1.20
CA LEU A 256 13.10 -3.13 2.55
C LEU A 256 14.21 -3.40 3.61
N GLY A 257 15.39 -3.80 3.16
CA GLY A 257 16.51 -4.13 4.03
C GLY A 257 16.30 -5.44 4.76
N THR A 258 15.68 -6.42 4.09
CA THR A 258 15.34 -7.75 4.62
C THR A 258 16.27 -8.87 4.06
N GLY A 259 17.00 -8.57 2.97
CA GLY A 259 17.92 -9.52 2.35
C GLY A 259 18.85 -8.92 1.28
#